data_6PML
#
_entry.id   6PML
#
_cell.length_a   117.540
_cell.length_b   63.740
_cell.length_c   96.190
_cell.angle_alpha   90.000
_cell.angle_beta   140.850
_cell.angle_gamma   90.000
#
_symmetry.space_group_name_H-M   'C 1 2 1'
#
loop_
_entity.id
_entity.type
_entity.pdbx_description
1 polymer 'Thiol:disulfide interchange protein DsbA'
2 non-polymer DI(HYDROXYETHYL)ETHER
3 non-polymer '[6-(benzyloxy)-1-benzofuran-3-yl]acetic acid'
4 non-polymer 'COPPER (II) ION'
5 water water
#
_entity_poly.entity_id   1
_entity_poly.type   'polypeptide(L)'
_entity_poly.pdbx_seq_one_letter_code
;AQYEDGKQYTTLEKPVAGAPQVLEFFSFFCPHCYQFEEVLHISDNVKKKLPEGVKMTKYHVNFMGGDLGKDLTQAWAVAM
ALGVEDKVTVPLFEGVQKTQTIRSASDIRDVFINAGIKGEEYDAAWNSFVVKSLVAQQEKAAADVQLRGVPAMFVNGKYQ
LNPQGMDTSNMDVFVQQYADTVKYLSEKK
;
_entity_poly.pdbx_strand_id   A,B
#
# COMPACT_ATOMS: atom_id res chain seq x y z
N ALA A 1 31.69 10.52 -6.05
CA ALA A 1 30.74 11.46 -6.64
C ALA A 1 29.46 11.53 -5.83
N GLN A 2 28.69 12.60 -6.02
CA GLN A 2 27.44 12.75 -5.29
C GLN A 2 26.38 11.76 -5.79
N TYR A 3 26.33 11.53 -7.09
CA TYR A 3 25.52 10.47 -7.67
C TYR A 3 26.43 9.33 -8.08
N GLU A 4 26.14 8.12 -7.61
CA GLU A 4 27.02 6.98 -7.79
C GLU A 4 26.22 5.76 -8.23
N ASP A 5 26.82 4.98 -9.12
CA ASP A 5 26.24 3.70 -9.51
C ASP A 5 26.08 2.80 -8.29
N GLY A 6 24.87 2.31 -8.09
CA GLY A 6 24.55 1.47 -6.95
C GLY A 6 23.95 2.20 -5.78
N LYS A 7 23.98 3.52 -5.78
CA LYS A 7 23.38 4.30 -4.69
C LYS A 7 22.00 4.81 -5.11
N GLN A 8 21.97 5.94 -5.84
CA GLN A 8 20.69 6.46 -6.33
C GLN A 8 20.22 5.76 -7.59
N TYR A 9 21.11 5.10 -8.32
CA TYR A 9 20.74 4.44 -9.56
C TYR A 9 21.65 3.25 -9.79
N THR A 10 21.23 2.38 -10.70
CA THR A 10 22.05 1.30 -11.22
C THR A 10 22.11 1.41 -12.74
N THR A 11 23.11 0.76 -13.32
CA THR A 11 23.33 0.82 -14.76
C THR A 11 23.05 -0.54 -15.39
N LEU A 12 22.34 -0.52 -16.51
CA LEU A 12 21.95 -1.76 -17.17
C LEU A 12 23.16 -2.40 -17.83
N GLU A 13 23.45 -3.65 -17.44
CA GLU A 13 24.54 -4.39 -18.08
C GLU A 13 24.26 -4.66 -19.55
N LYS A 14 23.00 -4.58 -19.97
CA LYS A 14 22.61 -4.69 -21.37
C LYS A 14 21.74 -3.49 -21.70
N PRO A 15 22.32 -2.39 -22.17
CA PRO A 15 21.52 -1.21 -22.52
C PRO A 15 20.45 -1.55 -23.55
N VAL A 16 19.35 -0.80 -23.49
CA VAL A 16 18.18 -1.02 -24.33
C VAL A 16 18.12 0.12 -25.34
N ALA A 17 18.37 -0.19 -26.61
CA ALA A 17 18.34 0.81 -27.67
C ALA A 17 16.91 1.16 -28.04
N GLY A 18 16.70 2.43 -28.38
CA GLY A 18 15.39 2.90 -28.82
C GLY A 18 14.35 3.01 -27.73
N ALA A 19 14.73 2.87 -26.46
CA ALA A 19 13.78 2.94 -25.37
C ALA A 19 13.28 4.37 -25.20
N PRO A 20 12.12 4.55 -24.54
CA PRO A 20 11.67 5.89 -24.21
C PRO A 20 12.61 6.60 -23.25
N GLN A 21 12.54 7.93 -23.28
CA GLN A 21 13.41 8.74 -22.42
C GLN A 21 13.17 8.42 -20.95
N VAL A 22 11.92 8.53 -20.50
CA VAL A 22 11.55 8.18 -19.14
C VAL A 22 10.48 7.08 -19.22
N LEU A 23 10.81 5.91 -18.70
CA LEU A 23 9.94 4.74 -18.78
C LEU A 23 9.68 4.23 -17.38
N GLU A 24 8.41 4.25 -16.96
CA GLU A 24 8.00 3.77 -15.66
C GLU A 24 7.18 2.49 -15.81
N PHE A 25 7.37 1.56 -14.88
CA PHE A 25 6.60 0.33 -14.81
C PHE A 25 5.92 0.25 -13.45
N PHE A 26 4.66 -0.19 -13.45
CA PHE A 26 3.90 -0.28 -12.21
C PHE A 26 2.91 -1.43 -12.31
N SER A 27 2.31 -1.75 -11.17
CA SER A 27 1.19 -2.67 -11.10
C SER A 27 0.16 -2.12 -10.13
N PHE A 28 -1.11 -2.31 -10.45
CA PHE A 28 -2.15 -1.89 -9.53
C PHE A 28 -2.21 -2.76 -8.27
N PHE A 29 -1.49 -3.90 -8.26
CA PHE A 29 -1.33 -4.70 -7.05
C PHE A 29 -0.13 -4.28 -6.20
N CYS A 30 0.66 -3.33 -6.69
CA CYS A 30 1.95 -2.98 -6.09
C CYS A 30 1.77 -1.87 -5.06
N PRO A 31 2.08 -2.11 -3.78
CA PRO A 31 1.81 -1.12 -2.73
C PRO A 31 2.61 0.18 -2.86
N HIS A 32 3.91 0.08 -3.13
CA HIS A 32 4.69 1.29 -3.33
C HIS A 32 4.22 2.05 -4.56
N CYS A 33 3.71 1.36 -5.58
CA CYS A 33 3.13 2.04 -6.73
C CYS A 33 1.91 2.86 -6.33
N TYR A 34 1.09 2.30 -5.44
CA TYR A 34 -0.03 3.03 -4.86
C TYR A 34 0.43 4.33 -4.21
N GLN A 35 1.48 4.24 -3.37
CA GLN A 35 2.04 5.43 -2.76
C GLN A 35 2.58 6.38 -3.82
N PHE A 36 3.30 5.85 -4.81
CA PHE A 36 3.87 6.68 -5.87
C PHE A 36 2.81 7.51 -6.57
N GLU A 37 1.59 6.98 -6.66
CA GLU A 37 0.50 7.67 -7.36
C GLU A 37 -0.23 8.64 -6.44
N GLU A 38 -0.73 8.16 -5.30
CA GLU A 38 -1.64 8.95 -4.48
C GLU A 38 -0.91 9.84 -3.49
N VAL A 39 0.21 9.37 -2.95
CA VAL A 39 0.87 9.99 -1.82
C VAL A 39 2.07 10.83 -2.24
N LEU A 40 2.82 10.36 -3.22
CA LEU A 40 4.07 11.00 -3.64
C LEU A 40 3.98 11.71 -4.98
N HIS A 41 3.10 11.25 -5.88
CA HIS A 41 2.95 11.83 -7.20
C HIS A 41 4.31 11.92 -7.91
N ILE A 42 4.99 10.77 -7.96
CA ILE A 42 6.35 10.74 -8.53
C ILE A 42 6.34 11.21 -9.97
N SER A 43 5.39 10.73 -10.76
CA SER A 43 5.38 11.03 -12.20
C SER A 43 5.30 12.53 -12.46
N ASP A 44 4.40 13.23 -11.76
CA ASP A 44 4.25 14.65 -11.98
C ASP A 44 5.46 15.43 -11.47
N ASN A 45 6.00 15.03 -10.33
CA ASN A 45 7.16 15.71 -9.77
C ASN A 45 8.40 15.49 -10.63
N VAL A 46 8.53 14.32 -11.26
CA VAL A 46 9.62 14.11 -12.20
C VAL A 46 9.42 14.97 -13.45
N LYS A 47 8.18 15.04 -13.95
CA LYS A 47 7.88 15.82 -15.14
C LYS A 47 8.24 17.29 -14.95
N LYS A 48 8.02 17.82 -13.75
CA LYS A 48 8.28 19.24 -13.51
C LYS A 48 9.77 19.56 -13.40
N LYS A 49 10.62 18.56 -13.22
CA LYS A 49 12.06 18.76 -13.14
C LYS A 49 12.77 18.43 -14.44
N LEU A 50 12.06 17.95 -15.44
CA LEU A 50 12.64 17.64 -16.74
C LEU A 50 12.26 18.71 -17.75
N PRO A 51 13.05 18.86 -18.82
CA PRO A 51 12.69 19.85 -19.85
C PRO A 51 11.30 19.61 -20.41
N GLU A 52 10.64 20.70 -20.78
CA GLU A 52 9.29 20.61 -21.31
C GLU A 52 9.29 19.85 -22.63
N GLY A 53 8.32 18.96 -22.80
CA GLY A 53 8.18 18.19 -24.01
C GLY A 53 8.87 16.84 -24.01
N VAL A 54 9.60 16.50 -22.95
CA VAL A 54 10.24 15.19 -22.87
C VAL A 54 9.17 14.10 -22.77
N LYS A 55 9.39 13.00 -23.47
CA LYS A 55 8.43 11.90 -23.49
C LYS A 55 8.53 11.08 -22.20
N MET A 56 7.41 10.91 -21.52
CA MET A 56 7.32 10.05 -20.35
C MET A 56 6.32 8.95 -20.64
N THR A 57 6.71 7.71 -20.37
CA THR A 57 5.90 6.54 -20.65
C THR A 57 5.70 5.74 -19.38
N LYS A 58 4.49 5.24 -19.17
CA LYS A 58 4.17 4.43 -17.99
C LYS A 58 3.42 3.18 -18.44
N TYR A 59 3.96 2.00 -18.09
CA TYR A 59 3.39 0.73 -18.51
C TYR A 59 3.05 -0.14 -17.30
N HIS A 60 2.00 -0.96 -17.46
CA HIS A 60 1.62 -1.95 -16.47
C HIS A 60 2.37 -3.26 -16.71
N VAL A 61 2.38 -4.11 -15.68
CA VAL A 61 3.13 -5.36 -15.71
C VAL A 61 2.24 -6.53 -15.31
N ASN A 62 2.63 -7.73 -15.74
CA ASN A 62 1.83 -8.92 -15.52
C ASN A 62 2.18 -9.68 -14.24
N PHE A 63 3.39 -9.52 -13.70
CA PHE A 63 3.87 -10.54 -12.77
C PHE A 63 3.23 -10.46 -11.39
N MET A 64 2.35 -9.50 -11.12
CA MET A 64 1.61 -9.44 -9.86
C MET A 64 0.14 -9.69 -10.12
N GLY A 65 -0.47 -10.58 -9.34
CA GLY A 65 -1.91 -10.73 -9.35
C GLY A 65 -2.47 -11.78 -10.28
N GLY A 66 -1.62 -12.57 -10.95
CA GLY A 66 -2.11 -13.70 -11.73
C GLY A 66 -3.03 -13.28 -12.86
N ASP A 67 -4.18 -13.94 -12.95
CA ASP A 67 -5.16 -13.66 -14.01
C ASP A 67 -5.54 -12.19 -14.03
N LEU A 68 -5.86 -11.63 -12.87
CA LEU A 68 -6.30 -10.24 -12.81
C LEU A 68 -5.16 -9.28 -13.15
N GLY A 69 -3.93 -9.65 -12.81
CA GLY A 69 -2.80 -8.82 -13.19
C GLY A 69 -2.68 -8.63 -14.68
N LYS A 70 -2.92 -9.70 -15.45
CA LYS A 70 -2.92 -9.59 -16.91
C LYS A 70 -4.13 -8.83 -17.41
N ASP A 71 -5.28 -9.01 -16.77
CA ASP A 71 -6.45 -8.19 -17.11
C ASP A 71 -6.14 -6.72 -16.92
N LEU A 72 -5.42 -6.37 -15.87
CA LEU A 72 -5.12 -4.97 -15.61
C LEU A 72 -4.14 -4.41 -16.63
N THR A 73 -3.24 -5.25 -17.15
CA THR A 73 -2.35 -4.81 -18.22
C THR A 73 -3.15 -4.51 -19.50
N GLN A 74 -4.13 -5.35 -19.81
CA GLN A 74 -4.98 -5.07 -20.97
C GLN A 74 -5.85 -3.86 -20.72
N ALA A 75 -6.34 -3.69 -19.49
CA ALA A 75 -7.14 -2.51 -19.16
C ALA A 75 -6.30 -1.24 -19.25
N TRP A 76 -5.04 -1.31 -18.81
CA TRP A 76 -4.17 -0.15 -18.95
C TRP A 76 -3.93 0.19 -20.41
N ALA A 77 -3.81 -0.84 -21.26
CA ALA A 77 -3.71 -0.59 -22.70
C ALA A 77 -4.95 0.12 -23.22
N VAL A 78 -6.14 -0.29 -22.75
CA VAL A 78 -7.37 0.42 -23.10
C VAL A 78 -7.28 1.87 -22.63
N ALA A 79 -6.80 2.09 -21.40
CA ALA A 79 -6.70 3.44 -20.89
C ALA A 79 -5.77 4.30 -21.74
N MET A 80 -4.66 3.70 -22.18
CA MET A 80 -3.71 4.43 -23.03
C MET A 80 -4.30 4.69 -24.40
N ALA A 81 -4.99 3.70 -24.97
CA ALA A 81 -5.59 3.86 -26.29
C ALA A 81 -6.67 4.94 -26.29
N LEU A 82 -7.47 5.00 -25.24
CA LEU A 82 -8.53 5.99 -25.11
C LEU A 82 -8.05 7.29 -24.49
N GLY A 83 -6.83 7.34 -23.97
CA GLY A 83 -6.32 8.53 -23.31
C GLY A 83 -7.04 8.89 -22.03
N VAL A 84 -7.41 7.89 -21.21
CA VAL A 84 -8.18 8.16 -20.00
C VAL A 84 -7.40 7.70 -18.77
N GLU A 85 -6.07 7.70 -18.86
CA GLU A 85 -5.24 7.26 -17.74
C GLU A 85 -5.54 8.06 -16.48
N ASP A 86 -5.65 9.38 -16.60
CA ASP A 86 -5.87 10.22 -15.44
C ASP A 86 -7.23 9.96 -14.80
N LYS A 87 -8.19 9.41 -15.55
CA LYS A 87 -9.53 9.17 -15.04
C LYS A 87 -9.66 7.86 -14.29
N VAL A 88 -8.83 6.87 -14.60
CA VAL A 88 -9.02 5.52 -14.06
C VAL A 88 -7.92 5.09 -13.09
N THR A 89 -6.78 5.80 -13.05
CA THR A 89 -5.65 5.33 -12.25
C THR A 89 -6.00 5.20 -10.77
N VAL A 90 -6.56 6.26 -10.19
CA VAL A 90 -6.88 6.26 -8.76
C VAL A 90 -7.97 5.23 -8.43
N PRO A 91 -9.11 5.20 -9.12
CA PRO A 91 -10.11 4.18 -8.78
C PRO A 91 -9.63 2.75 -8.99
N LEU A 92 -8.72 2.52 -9.94
CA LEU A 92 -8.18 1.17 -10.10
C LEU A 92 -7.26 0.80 -8.93
N PHE A 93 -6.39 1.73 -8.52
CA PHE A 93 -5.58 1.50 -7.34
C PHE A 93 -6.44 1.22 -6.11
N GLU A 94 -7.43 2.08 -5.88
CA GLU A 94 -8.26 1.90 -4.69
C GLU A 94 -9.15 0.68 -4.80
N GLY A 95 -9.64 0.37 -6.00
CA GLY A 95 -10.44 -0.84 -6.18
C GLY A 95 -9.67 -2.11 -5.92
N VAL A 96 -8.39 -2.15 -6.27
CA VAL A 96 -7.56 -3.33 -6.04
C VAL A 96 -7.05 -3.39 -4.60
N GLN A 97 -6.56 -2.27 -4.06
CA GLN A 97 -5.81 -2.30 -2.81
C GLN A 97 -6.56 -1.77 -1.60
N LYS A 98 -7.45 -0.79 -1.79
CA LYS A 98 -8.15 -0.19 -0.64
C LYS A 98 -9.49 -0.87 -0.37
N THR A 99 -10.41 -0.80 -1.32
CA THR A 99 -11.72 -1.41 -1.12
C THR A 99 -11.73 -2.89 -1.49
N GLN A 100 -10.78 -3.33 -2.30
CA GLN A 100 -10.73 -4.72 -2.78
C GLN A 100 -12.05 -5.10 -3.43
N THR A 101 -12.60 -4.18 -4.21
CA THR A 101 -13.82 -4.43 -4.97
C THR A 101 -13.56 -4.86 -6.40
N ILE A 102 -12.29 -4.99 -6.80
CA ILE A 102 -11.93 -5.40 -8.14
C ILE A 102 -11.49 -6.86 -8.05
N ARG A 103 -12.35 -7.78 -8.47
CA ARG A 103 -12.06 -9.19 -8.41
C ARG A 103 -12.14 -9.88 -9.77
N SER A 104 -12.55 -9.17 -10.82
CA SER A 104 -12.73 -9.77 -12.13
C SER A 104 -12.60 -8.69 -13.19
N ALA A 105 -12.51 -9.14 -14.45
CA ALA A 105 -12.45 -8.19 -15.56
C ALA A 105 -13.71 -7.32 -15.61
N SER A 106 -14.86 -7.88 -15.21
CA SER A 106 -16.08 -7.09 -15.17
C SER A 106 -15.97 -5.94 -14.17
N ASP A 107 -15.37 -6.20 -13.00
CA ASP A 107 -15.18 -5.15 -12.01
C ASP A 107 -14.27 -4.04 -12.55
N ILE A 108 -13.24 -4.41 -13.32
CA ILE A 108 -12.38 -3.40 -13.93
C ILE A 108 -13.19 -2.56 -14.91
N ARG A 109 -14.00 -3.22 -15.74
CA ARG A 109 -14.86 -2.49 -16.67
C ARG A 109 -15.77 -1.52 -15.94
N ASP A 110 -16.25 -1.90 -14.74
CA ASP A 110 -17.12 -1.01 -13.96
C ASP A 110 -16.42 0.29 -13.62
N VAL A 111 -15.11 0.23 -13.34
CA VAL A 111 -14.36 1.43 -13.01
C VAL A 111 -14.37 2.40 -14.19
N PHE A 112 -14.17 1.89 -15.40
CA PHE A 112 -14.22 2.73 -16.59
C PHE A 112 -15.63 3.27 -16.84
N ILE A 113 -16.65 2.43 -16.64
CA ILE A 113 -18.03 2.89 -16.78
C ILE A 113 -18.31 4.04 -15.81
N ASN A 114 -17.91 3.85 -14.56
CA ASN A 114 -18.14 4.89 -13.54
C ASN A 114 -17.37 6.17 -13.86
N ALA A 115 -16.21 6.05 -14.52
CA ALA A 115 -15.41 7.21 -14.88
C ALA A 115 -15.92 7.92 -16.12
N GLY A 116 -17.01 7.45 -16.73
CA GLY A 116 -17.60 8.11 -17.87
C GLY A 116 -17.25 7.54 -19.23
N ILE A 117 -16.52 6.43 -19.27
CA ILE A 117 -16.22 5.79 -20.55
C ILE A 117 -17.41 4.92 -20.95
N LYS A 118 -17.92 5.13 -22.16
CA LYS A 118 -19.10 4.40 -22.59
C LYS A 118 -18.80 2.91 -22.68
N GLY A 119 -19.81 2.09 -22.37
CA GLY A 119 -19.62 0.64 -22.42
C GLY A 119 -19.21 0.16 -23.78
N GLU A 120 -19.86 0.68 -24.82
N GLU A 120 -19.85 0.67 -24.84
CA GLU A 120 -19.47 0.33 -26.19
CA GLU A 120 -19.45 0.29 -26.18
C GLU A 120 -18.04 0.77 -26.49
C GLU A 120 -18.04 0.77 -26.49
N GLU A 121 -17.63 1.91 -25.93
CA GLU A 121 -16.26 2.39 -26.13
C GLU A 121 -15.26 1.43 -25.51
N TYR A 122 -15.51 1.03 -24.26
CA TYR A 122 -14.58 0.15 -23.55
C TYR A 122 -14.47 -1.21 -24.24
N ASP A 123 -15.61 -1.84 -24.52
CA ASP A 123 -15.59 -3.19 -25.09
C ASP A 123 -14.92 -3.19 -26.46
N ALA A 124 -15.15 -2.14 -27.26
CA ALA A 124 -14.52 -2.08 -28.58
C ALA A 124 -13.01 -1.94 -28.48
N ALA A 125 -12.53 -1.09 -27.57
CA ALA A 125 -11.10 -0.99 -27.34
C ALA A 125 -10.54 -2.27 -26.76
N TRP A 126 -11.25 -2.86 -25.79
CA TRP A 126 -10.75 -4.05 -25.11
C TRP A 126 -10.48 -5.18 -26.11
N ASN A 127 -11.33 -5.32 -27.12
CA ASN A 127 -11.20 -6.39 -28.10
C ASN A 127 -10.44 -5.98 -29.36
N SER A 128 -9.91 -4.76 -29.39
CA SER A 128 -9.25 -4.26 -30.58
C SER A 128 -7.83 -4.78 -30.69
N PHE A 129 -7.33 -4.86 -31.92
CA PHE A 129 -5.95 -5.27 -32.16
C PHE A 129 -4.96 -4.15 -31.84
N VAL A 130 -5.41 -2.89 -31.89
CA VAL A 130 -4.57 -1.79 -31.42
C VAL A 130 -4.21 -2.00 -29.95
N VAL A 131 -5.18 -2.47 -29.15
CA VAL A 131 -4.91 -2.72 -27.74
C VAL A 131 -4.08 -3.99 -27.56
N LYS A 132 -4.31 -5.01 -28.41
CA LYS A 132 -3.45 -6.18 -28.41
C LYS A 132 -2.00 -5.79 -28.63
N SER A 133 -1.75 -4.83 -29.54
CA SER A 133 -0.38 -4.39 -29.79
C SER A 133 0.15 -3.59 -28.60
N LEU A 134 -0.69 -2.78 -27.98
CA LEU A 134 -0.26 -2.03 -26.80
C LEU A 134 0.10 -2.96 -25.65
N VAL A 135 -0.64 -4.06 -25.50
CA VAL A 135 -0.29 -5.08 -24.51
C VAL A 135 1.09 -5.68 -24.83
N ALA A 136 1.31 -6.03 -26.10
CA ALA A 136 2.62 -6.54 -26.49
C ALA A 136 3.72 -5.53 -26.23
N GLN A 137 3.45 -4.24 -26.47
CA GLN A 137 4.46 -3.22 -26.23
C GLN A 137 4.82 -3.14 -24.75
N GLN A 138 3.81 -3.22 -23.88
CA GLN A 138 4.09 -3.19 -22.45
C GLN A 138 4.93 -4.40 -22.03
N GLU A 139 4.59 -5.58 -22.55
CA GLU A 139 5.35 -6.78 -22.21
C GLU A 139 6.77 -6.70 -22.72
N LYS A 140 6.96 -6.21 -23.96
CA LYS A 140 8.30 -6.17 -24.54
C LYS A 140 9.21 -5.23 -23.79
N ALA A 141 8.70 -4.04 -23.44
CA ALA A 141 9.50 -3.08 -22.69
C ALA A 141 9.95 -3.65 -21.36
N ALA A 142 9.03 -4.31 -20.64
CA ALA A 142 9.40 -4.97 -19.39
C ALA A 142 10.39 -6.11 -19.64
N ALA A 143 10.16 -6.90 -20.69
CA ALA A 143 11.02 -8.05 -20.94
C ALA A 143 12.43 -7.63 -21.32
N ASP A 144 12.58 -6.45 -21.94
CA ASP A 144 13.89 -5.99 -22.36
C ASP A 144 14.87 -5.85 -21.19
N VAL A 145 14.38 -5.66 -19.97
CA VAL A 145 15.24 -5.48 -18.80
C VAL A 145 14.98 -6.52 -17.73
N GLN A 146 14.27 -7.60 -18.05
CA GLN A 146 14.01 -8.70 -17.11
C GLN A 146 13.47 -8.17 -15.78
N LEU A 147 12.37 -7.43 -15.90
CA LEU A 147 11.82 -6.71 -14.77
C LEU A 147 11.18 -7.66 -13.77
N ARG A 148 11.67 -7.67 -12.54
CA ARG A 148 11.09 -8.48 -11.48
C ARG A 148 10.56 -7.65 -10.31
N GLY A 149 10.64 -6.33 -10.39
CA GLY A 149 10.15 -5.48 -9.32
C GLY A 149 9.60 -4.14 -9.78
N VAL A 150 8.53 -3.69 -9.13
CA VAL A 150 7.93 -2.38 -9.37
C VAL A 150 7.72 -1.71 -8.03
N PRO A 151 7.66 -0.36 -8.00
CA PRO A 151 7.75 0.58 -9.13
C PRO A 151 9.18 0.71 -9.66
N ALA A 152 9.32 0.82 -10.97
CA ALA A 152 10.61 0.92 -11.61
C ALA A 152 10.59 2.06 -12.62
N MET A 153 11.71 2.76 -12.73
CA MET A 153 11.87 3.80 -13.73
C MET A 153 13.22 3.64 -14.40
N PHE A 154 13.22 3.75 -15.72
CA PHE A 154 14.43 3.65 -16.52
C PHE A 154 14.60 4.93 -17.34
N VAL A 155 15.84 5.40 -17.42
CA VAL A 155 16.16 6.64 -18.11
C VAL A 155 17.01 6.29 -19.33
N ASN A 156 16.51 6.68 -20.52
CA ASN A 156 17.22 6.48 -21.79
C ASN A 156 17.65 5.04 -21.99
N GLY A 157 16.85 4.10 -21.49
CA GLY A 157 17.14 2.69 -21.65
C GLY A 157 18.48 2.24 -21.11
N LYS A 158 19.08 3.01 -20.21
CA LYS A 158 20.41 2.68 -19.71
C LYS A 158 20.50 2.67 -18.19
N TYR A 159 19.78 3.56 -17.51
CA TYR A 159 19.89 3.69 -16.06
C TYR A 159 18.56 3.37 -15.42
N GLN A 160 18.62 2.71 -14.26
CA GLN A 160 17.44 2.34 -13.50
C GLN A 160 17.50 3.04 -12.15
N LEU A 161 16.39 3.67 -11.76
CA LEU A 161 16.33 4.35 -10.48
C LEU A 161 16.41 3.33 -9.35
N ASN A 162 17.12 3.71 -8.27
CA ASN A 162 17.28 2.86 -7.10
C ASN A 162 16.72 3.60 -5.88
N PRO A 163 15.40 3.55 -5.68
CA PRO A 163 14.83 4.28 -4.53
C PRO A 163 15.21 3.68 -3.18
N GLN A 164 15.72 2.45 -3.14
CA GLN A 164 16.12 1.84 -1.88
C GLN A 164 17.28 2.59 -1.23
N GLY A 165 18.09 3.27 -2.02
CA GLY A 165 19.20 4.04 -1.48
C GLY A 165 18.87 5.50 -1.26
N MET A 166 17.59 5.82 -1.08
CA MET A 166 17.15 7.19 -0.87
C MET A 166 16.48 7.31 0.49
N ASP A 167 16.56 8.52 1.06
CA ASP A 167 16.06 8.74 2.41
C ASP A 167 14.54 8.64 2.45
N THR A 168 14.02 7.92 3.44
CA THR A 168 12.59 7.71 3.57
C THR A 168 12.02 8.30 4.86
N SER A 169 12.81 9.07 5.60
CA SER A 169 12.29 9.74 6.79
C SER A 169 11.35 10.87 6.43
N ASN A 170 11.46 11.42 5.22
CA ASN A 170 10.66 12.56 4.80
C ASN A 170 10.17 12.28 3.39
N MET A 171 8.84 12.29 3.22
N MET A 171 8.85 12.35 3.20
CA MET A 171 8.25 11.97 1.92
CA MET A 171 8.27 11.95 1.91
C MET A 171 8.68 12.95 0.84
C MET A 171 8.59 12.95 0.82
N ASP A 172 8.67 14.24 1.16
CA ASP A 172 8.97 15.25 0.14
C ASP A 172 10.45 15.23 -0.23
N VAL A 173 11.32 14.96 0.75
CA VAL A 173 12.75 14.84 0.45
C VAL A 173 13.00 13.65 -0.47
N PHE A 174 12.30 12.53 -0.22
CA PHE A 174 12.42 11.36 -1.09
C PHE A 174 12.03 11.70 -2.52
N VAL A 175 10.87 12.33 -2.70
CA VAL A 175 10.42 12.70 -4.04
C VAL A 175 11.43 13.64 -4.70
N GLN A 176 11.95 14.59 -3.94
CA GLN A 176 12.92 15.53 -4.48
C GLN A 176 14.19 14.82 -4.90
N GLN A 177 14.71 13.92 -4.06
CA GLN A 177 15.90 13.14 -4.43
CA GLN A 177 15.90 13.15 -4.43
C GLN A 177 15.62 12.27 -5.63
N TYR A 178 14.44 11.65 -5.69
CA TYR A 178 14.06 10.82 -6.82
C TYR A 178 14.04 11.63 -8.11
N ALA A 179 13.34 12.77 -8.09
CA ALA A 179 13.22 13.58 -9.30
C ALA A 179 14.56 14.19 -9.70
N ASP A 180 15.36 14.62 -8.72
CA ASP A 180 16.68 15.18 -9.05
C ASP A 180 17.59 14.13 -9.65
N THR A 181 17.45 12.88 -9.23
CA THR A 181 18.25 11.80 -9.83
C THR A 181 17.84 11.56 -11.27
N VAL A 182 16.54 11.54 -11.54
CA VAL A 182 16.06 11.39 -12.91
C VAL A 182 16.63 12.50 -13.78
N LYS A 183 16.58 13.74 -13.29
CA LYS A 183 17.13 14.87 -14.03
C LYS A 183 18.62 14.67 -14.30
N TYR A 184 19.37 14.29 -13.25
CA TYR A 184 20.80 14.02 -13.41
C TYR A 184 21.04 12.95 -14.47
N LEU A 185 20.27 11.87 -14.42
CA LEU A 185 20.45 10.79 -15.39
C LEU A 185 20.08 11.23 -16.80
N SER A 186 19.03 12.05 -16.94
CA SER A 186 18.61 12.51 -18.26
C SER A 186 19.67 13.39 -18.91
N GLU A 187 20.47 14.09 -18.10
CA GLU A 187 21.55 14.94 -18.60
C GLU A 187 22.86 14.18 -18.77
N LYS A 188 22.87 12.89 -18.51
CA LYS A 188 24.08 12.08 -18.64
C LYS A 188 24.42 11.84 -20.10
N ALA B 1 -19.15 -28.68 8.53
CA ALA B 1 -18.99 -27.68 9.57
C ALA B 1 -18.93 -26.28 8.98
N GLN B 2 -19.49 -25.32 9.72
CA GLN B 2 -19.51 -23.93 9.24
C GLN B 2 -18.09 -23.38 9.13
N TYR B 3 -17.32 -23.45 10.22
CA TYR B 3 -15.96 -22.95 10.23
C TYR B 3 -15.00 -24.06 9.83
N GLU B 4 -14.25 -23.83 8.77
CA GLU B 4 -13.31 -24.80 8.22
C GLU B 4 -11.93 -24.18 8.11
N ASP B 5 -10.91 -24.90 8.55
CA ASP B 5 -9.54 -24.42 8.44
C ASP B 5 -9.21 -24.13 6.98
N GLY B 6 -8.66 -22.94 6.73
CA GLY B 6 -8.39 -22.50 5.38
C GLY B 6 -9.48 -21.66 4.76
N LYS B 7 -10.69 -21.66 5.33
CA LYS B 7 -11.79 -20.86 4.84
C LYS B 7 -11.83 -19.51 5.55
N GLN B 8 -12.43 -19.47 6.75
CA GLN B 8 -12.49 -18.23 7.50
C GLN B 8 -11.19 -17.93 8.24
N TYR B 9 -10.32 -18.92 8.41
CA TYR B 9 -9.12 -18.74 9.22
C TYR B 9 -8.09 -19.77 8.79
N THR B 10 -6.84 -19.52 9.20
CA THR B 10 -5.76 -20.48 9.11
C THR B 10 -5.15 -20.67 10.50
N THR B 11 -4.41 -21.76 10.66
CA THR B 11 -3.80 -22.14 11.93
C THR B 11 -2.30 -21.95 11.85
N LEU B 12 -1.75 -21.23 12.83
CA LEU B 12 -0.30 -21.07 12.92
C LEU B 12 0.37 -22.41 13.16
N GLU B 13 1.30 -22.78 12.27
N GLU B 13 1.31 -22.77 12.28
CA GLU B 13 2.02 -24.03 12.44
CA GLU B 13 2.01 -24.04 12.45
C GLU B 13 2.86 -24.02 13.71
C GLU B 13 2.90 -24.03 13.68
N LYS B 14 3.46 -22.87 14.04
CA LYS B 14 4.29 -22.72 15.23
C LYS B 14 3.65 -21.65 16.11
N PRO B 15 2.76 -22.03 17.02
CA PRO B 15 2.06 -21.04 17.84
C PRO B 15 3.00 -20.34 18.80
N VAL B 16 2.55 -19.18 19.29
CA VAL B 16 3.33 -18.35 20.19
C VAL B 16 2.64 -18.31 21.55
N ALA B 17 3.41 -18.56 22.60
CA ALA B 17 2.88 -18.54 23.95
C ALA B 17 2.87 -17.12 24.50
N GLY B 18 1.91 -16.85 25.37
CA GLY B 18 1.77 -15.52 25.95
C GLY B 18 1.23 -14.46 25.02
N ALA B 19 0.74 -14.85 23.85
CA ALA B 19 0.20 -13.88 22.91
C ALA B 19 -1.11 -13.30 23.43
N PRO B 20 -1.44 -12.07 23.04
CA PRO B 20 -2.72 -11.49 23.45
C PRO B 20 -3.90 -12.28 22.93
N GLN B 21 -5.06 -12.06 23.57
CA GLN B 21 -6.28 -12.76 23.17
C GLN B 21 -6.67 -12.44 21.73
N VAL B 22 -6.79 -11.15 21.42
CA VAL B 22 -7.11 -10.69 20.08
C VAL B 22 -6.08 -9.62 19.72
N LEU B 23 -5.18 -9.95 18.78
CA LEU B 23 -4.09 -9.06 18.39
C LEU B 23 -4.30 -8.60 16.96
N GLU B 24 -4.44 -7.29 16.77
CA GLU B 24 -4.62 -6.69 15.46
C GLU B 24 -3.36 -5.93 15.07
N PHE B 25 -2.99 -6.03 13.79
CA PHE B 25 -1.87 -5.29 13.23
C PHE B 25 -2.36 -4.39 12.12
N PHE B 26 -1.82 -3.17 12.06
CA PHE B 26 -2.21 -2.22 11.02
C PHE B 26 -1.02 -1.32 10.71
N SER B 27 -1.20 -0.44 9.73
CA SER B 27 -0.24 0.58 9.39
C SER B 27 -1.00 1.80 8.89
N PHE B 28 -0.53 2.99 9.27
CA PHE B 28 -1.18 4.20 8.77
C PHE B 28 -0.92 4.42 7.29
N PHE B 29 0.10 3.76 6.72
CA PHE B 29 0.35 3.78 5.28
C PHE B 29 -0.50 2.77 4.52
N CYS B 30 -1.18 1.87 5.24
CA CYS B 30 -1.84 0.73 4.63
C CYS B 30 -3.27 1.12 4.25
N PRO B 31 -3.60 1.20 2.96
CA PRO B 31 -4.94 1.68 2.58
C PRO B 31 -6.06 0.72 2.98
N HIS B 32 -5.85 -0.58 2.84
CA HIS B 32 -6.88 -1.53 3.25
C HIS B 32 -7.09 -1.53 4.75
N CYS B 33 -6.08 -1.13 5.52
CA CYS B 33 -6.25 -0.93 6.95
C CYS B 33 -7.14 0.28 7.23
N TYR B 34 -6.93 1.36 6.48
CA TYR B 34 -7.85 2.50 6.52
C TYR B 34 -9.27 2.07 6.22
N GLN B 35 -9.44 1.23 5.19
CA GLN B 35 -10.76 0.71 4.86
C GLN B 35 -11.33 -0.13 6.00
N PHE B 36 -10.50 -0.99 6.60
CA PHE B 36 -10.95 -1.82 7.72
C PHE B 36 -11.44 -0.98 8.88
N GLU B 37 -10.63 -0.02 9.31
CA GLU B 37 -10.93 0.70 10.55
C GLU B 37 -12.04 1.72 10.37
N GLU B 38 -11.99 2.50 9.29
CA GLU B 38 -12.84 3.68 9.18
C GLU B 38 -14.03 3.52 8.25
N VAL B 39 -14.03 2.51 7.37
CA VAL B 39 -15.13 2.28 6.44
C VAL B 39 -15.95 1.05 6.86
N LEU B 40 -15.30 -0.11 6.96
CA LEU B 40 -16.01 -1.32 7.37
C LEU B 40 -16.23 -1.40 8.87
N HIS B 41 -15.45 -0.65 9.66
CA HIS B 41 -15.53 -0.69 11.12
C HIS B 41 -15.35 -2.12 11.64
N ILE B 42 -14.29 -2.78 11.13
CA ILE B 42 -14.05 -4.18 11.48
C ILE B 42 -13.84 -4.33 12.98
N SER B 43 -12.92 -3.54 13.55
CA SER B 43 -12.63 -3.63 14.98
C SER B 43 -13.87 -3.35 15.82
N ASP B 44 -14.70 -2.38 15.40
CA ASP B 44 -15.90 -2.07 16.16
C ASP B 44 -16.86 -3.27 16.20
N ASN B 45 -17.01 -3.94 15.06
CA ASN B 45 -17.92 -5.08 15.02
C ASN B 45 -17.33 -6.30 15.72
N VAL B 46 -16.01 -6.47 15.67
CA VAL B 46 -15.37 -7.54 16.43
C VAL B 46 -15.55 -7.30 17.92
N LYS B 47 -15.29 -6.08 18.37
CA LYS B 47 -15.36 -5.79 19.80
C LYS B 47 -16.76 -5.99 20.37
N LYS B 48 -17.78 -5.59 19.61
CA LYS B 48 -19.15 -5.70 20.13
C LYS B 48 -19.61 -7.15 20.25
N LYS B 49 -18.92 -8.09 19.60
CA LYS B 49 -19.26 -9.51 19.71
C LYS B 49 -18.25 -10.29 20.53
N LEU B 50 -17.21 -9.65 21.05
CA LEU B 50 -16.22 -10.37 21.85
C LEU B 50 -16.84 -10.84 23.17
N PRO B 51 -16.45 -12.02 23.66
CA PRO B 51 -16.94 -12.46 24.97
C PRO B 51 -16.39 -11.60 26.09
N GLU B 52 -17.03 -11.71 27.24
CA GLU B 52 -16.57 -10.96 28.41
C GLU B 52 -15.20 -11.45 28.84
N GLY B 53 -14.34 -10.51 29.24
CA GLY B 53 -12.97 -10.83 29.61
C GLY B 53 -11.99 -10.84 28.45
N VAL B 54 -12.46 -10.61 27.23
CA VAL B 54 -11.60 -10.60 26.05
C VAL B 54 -11.42 -9.15 25.62
N LYS B 55 -10.19 -8.65 25.68
CA LYS B 55 -9.86 -7.30 25.27
C LYS B 55 -9.01 -7.33 24.01
N MET B 56 -9.14 -6.28 23.21
CA MET B 56 -8.48 -6.21 21.90
C MET B 56 -7.18 -5.40 22.00
N THR B 57 -6.14 -5.93 21.36
CA THR B 57 -4.85 -5.26 21.27
C THR B 57 -4.58 -4.92 19.80
N LYS B 58 -4.10 -3.71 19.55
CA LYS B 58 -3.80 -3.25 18.19
C LYS B 58 -2.40 -2.67 18.17
N TYR B 59 -1.54 -3.22 17.30
CA TYR B 59 -0.17 -2.76 17.14
C TYR B 59 0.04 -2.20 15.73
N HIS B 60 0.99 -1.28 15.63
CA HIS B 60 1.42 -0.71 14.36
C HIS B 60 2.66 -1.44 13.88
N VAL B 61 2.86 -1.45 12.56
CA VAL B 61 3.96 -2.21 11.95
C VAL B 61 4.87 -1.26 11.18
N ASN B 62 6.12 -1.68 11.01
CA ASN B 62 7.15 -0.84 10.41
C ASN B 62 7.23 -0.99 8.89
N PHE B 63 7.06 -2.22 8.38
CA PHE B 63 7.43 -2.54 6.99
C PHE B 63 6.63 -1.79 5.91
N MET B 64 5.88 -0.74 6.24
CA MET B 64 5.30 0.15 5.26
C MET B 64 5.75 1.57 5.56
N GLY B 65 6.18 2.29 4.53
CA GLY B 65 6.54 3.68 4.68
C GLY B 65 7.96 3.97 5.10
N GLY B 66 8.87 3.01 4.97
CA GLY B 66 10.28 3.27 5.20
C GLY B 66 10.56 3.76 6.61
N ASP B 67 11.50 4.70 6.73
CA ASP B 67 11.86 5.24 8.04
C ASP B 67 10.68 5.93 8.70
N LEU B 68 9.88 6.65 7.92
CA LEU B 68 8.71 7.31 8.47
C LEU B 68 7.72 6.31 9.06
N GLY B 69 7.62 5.13 8.45
CA GLY B 69 6.78 4.10 9.02
C GLY B 69 7.21 3.70 10.41
N LYS B 70 8.52 3.70 10.67
CA LYS B 70 9.01 3.43 12.03
C LYS B 70 8.59 4.53 12.99
N ASP B 71 8.70 5.80 12.56
CA ASP B 71 8.25 6.90 13.40
C ASP B 71 6.77 6.76 13.76
N LEU B 72 5.95 6.31 12.81
CA LEU B 72 4.54 6.10 13.08
C LEU B 72 4.32 4.96 14.08
N THR B 73 5.19 3.95 14.06
CA THR B 73 5.11 2.89 15.06
C THR B 73 5.40 3.45 16.46
N GLN B 74 6.43 4.29 16.58
CA GLN B 74 6.70 4.92 17.88
C GLN B 74 5.61 5.91 18.26
N ALA B 75 5.01 6.58 17.27
CA ALA B 75 3.89 7.47 17.57
C ALA B 75 2.68 6.70 18.07
N TRP B 76 2.43 5.52 17.50
CA TRP B 76 1.34 4.69 17.99
C TRP B 76 1.60 4.25 19.43
N ALA B 77 2.87 3.95 19.75
CA ALA B 77 3.21 3.65 21.13
C ALA B 77 2.92 4.84 22.05
N VAL B 78 3.15 6.06 21.56
CA VAL B 78 2.82 7.24 22.35
C VAL B 78 1.31 7.35 22.51
N ALA B 79 0.55 7.05 21.45
CA ALA B 79 -0.90 7.11 21.55
C ALA B 79 -1.44 6.09 22.54
N MET B 80 -0.84 4.89 22.56
CA MET B 80 -1.21 3.90 23.56
C MET B 80 -0.82 4.36 24.96
N ALA B 81 0.39 4.91 25.11
CA ALA B 81 0.86 5.31 26.42
C ALA B 81 0.04 6.46 27.01
N LEU B 82 -0.44 7.37 26.17
CA LEU B 82 -1.25 8.50 26.61
C LEU B 82 -2.74 8.21 26.57
N GLY B 83 -3.14 7.04 26.07
CA GLY B 83 -4.56 6.72 25.97
C GLY B 83 -5.33 7.65 25.05
N VAL B 84 -4.74 8.00 23.91
CA VAL B 84 -5.39 8.92 22.99
C VAL B 84 -5.58 8.24 21.64
N GLU B 85 -5.72 6.91 21.66
CA GLU B 85 -5.95 6.17 20.41
C GLU B 85 -7.20 6.65 19.70
N ASP B 86 -8.26 6.92 20.46
CA ASP B 86 -9.52 7.34 19.85
C ASP B 86 -9.58 8.85 19.57
N LYS B 87 -8.45 9.55 19.63
CA LYS B 87 -8.39 10.94 19.20
C LYS B 87 -7.44 11.17 18.03
N VAL B 88 -6.42 10.33 17.84
CA VAL B 88 -5.40 10.56 16.83
C VAL B 88 -5.49 9.60 15.66
N THR B 89 -6.31 8.56 15.74
CA THR B 89 -6.34 7.57 14.66
C THR B 89 -6.80 8.17 13.34
N VAL B 90 -7.84 9.01 13.38
CA VAL B 90 -8.38 9.61 12.16
C VAL B 90 -7.42 10.65 11.59
N PRO B 91 -6.92 11.62 12.37
CA PRO B 91 -5.96 12.57 11.77
C PRO B 91 -4.68 11.93 11.29
N LEU B 92 -4.31 10.75 11.81
CA LEU B 92 -3.11 10.08 11.32
C LEU B 92 -3.38 9.35 10.01
N PHE B 93 -4.50 8.64 9.89
CA PHE B 93 -4.88 8.04 8.61
C PHE B 93 -5.07 9.11 7.54
N GLU B 94 -5.79 10.18 7.89
CA GLU B 94 -6.11 11.21 6.90
C GLU B 94 -4.85 12.00 6.52
N GLY B 95 -3.99 12.29 7.49
CA GLY B 95 -2.80 13.06 7.19
C GLY B 95 -1.81 12.32 6.32
N VAL B 96 -1.75 11.00 6.43
CA VAL B 96 -0.82 10.21 5.61
C VAL B 96 -1.41 9.95 4.23
N GLN B 97 -2.66 9.50 4.19
CA GLN B 97 -3.24 8.98 2.95
C GLN B 97 -4.19 9.95 2.26
N LYS B 98 -4.82 10.87 2.99
CA LYS B 98 -5.85 11.71 2.40
C LYS B 98 -5.33 13.12 2.11
N THR B 99 -5.20 13.93 3.16
CA THR B 99 -4.78 15.31 3.00
C THR B 99 -3.29 15.47 2.72
N GLN B 100 -2.50 14.41 2.90
CA GLN B 100 -1.07 14.43 2.63
C GLN B 100 -0.38 15.58 3.38
N THR B 101 -0.75 15.75 4.64
CA THR B 101 -0.12 16.74 5.50
C THR B 101 0.87 16.12 6.48
N ILE B 102 0.95 14.79 6.53
CA ILE B 102 1.92 14.09 7.37
C ILE B 102 3.00 13.59 6.43
N ARG B 103 4.16 14.26 6.45
CA ARG B 103 5.28 13.91 5.60
C ARG B 103 6.55 13.56 6.36
N SER B 104 6.63 13.89 7.65
CA SER B 104 7.78 13.58 8.47
C SER B 104 7.32 13.44 9.92
N ALA B 105 8.27 13.10 10.79
CA ALA B 105 7.94 12.92 12.20
C ALA B 105 7.39 14.19 12.83
N SER B 106 7.82 15.36 12.35
CA SER B 106 7.34 16.62 12.90
C SER B 106 5.85 16.80 12.66
N ASP B 107 5.36 16.36 11.50
CA ASP B 107 3.93 16.47 11.23
C ASP B 107 3.12 15.54 12.12
N ILE B 108 3.69 14.41 12.51
CA ILE B 108 3.01 13.52 13.45
C ILE B 108 2.84 14.20 14.80
N ARG B 109 3.89 14.84 15.29
CA ARG B 109 3.81 15.59 16.54
C ARG B 109 2.70 16.64 16.48
N ASP B 110 2.57 17.32 15.35
CA ASP B 110 1.54 18.34 15.22
C ASP B 110 0.14 17.75 15.37
N VAL B 111 -0.06 16.51 14.92
CA VAL B 111 -1.36 15.86 15.07
C VAL B 111 -1.71 15.73 16.55
N PHE B 112 -0.75 15.28 17.37
CA PHE B 112 -1.02 15.10 18.79
C PHE B 112 -1.22 16.45 19.48
N ILE B 113 -0.40 17.45 19.12
CA ILE B 113 -0.57 18.79 19.68
C ILE B 113 -1.92 19.37 19.27
N ASN B 114 -2.31 19.16 18.01
CA ASN B 114 -3.60 19.64 17.54
C ASN B 114 -4.76 18.96 18.25
N ALA B 115 -4.57 17.71 18.69
CA ALA B 115 -5.62 16.99 19.41
C ALA B 115 -5.72 17.37 20.88
N GLY B 116 -4.80 18.18 21.39
CA GLY B 116 -4.86 18.64 22.77
C GLY B 116 -3.69 18.22 23.63
N ILE B 117 -2.79 17.37 23.15
CA ILE B 117 -1.62 16.97 23.93
C ILE B 117 -0.59 18.10 23.89
N LYS B 118 -0.08 18.48 25.06
CA LYS B 118 0.99 19.47 25.11
C LYS B 118 2.23 18.92 24.42
N GLY B 119 2.95 19.82 23.74
CA GLY B 119 4.15 19.40 23.02
C GLY B 119 5.21 18.82 23.95
N GLU B 120 5.34 19.40 25.15
CA GLU B 120 6.30 18.89 26.12
C GLU B 120 5.90 17.49 26.58
N GLU B 121 4.60 17.23 26.72
CA GLU B 121 4.13 15.92 27.16
C GLU B 121 4.28 14.88 26.05
N TYR B 122 4.04 15.27 24.79
CA TYR B 122 4.31 14.37 23.68
C TYR B 122 5.78 13.98 23.63
N ASP B 123 6.67 14.97 23.78
CA ASP B 123 8.11 14.70 23.72
C ASP B 123 8.54 13.82 24.90
N ALA B 124 8.02 14.10 26.09
CA ALA B 124 8.34 13.28 27.25
C ALA B 124 7.88 11.83 27.04
N ALA B 125 6.65 11.66 26.53
CA ALA B 125 6.18 10.32 26.22
C ALA B 125 7.01 9.68 25.13
N TRP B 126 7.37 10.45 24.10
CA TRP B 126 8.11 9.91 22.96
C TRP B 126 9.45 9.34 23.41
N ASN B 127 10.09 9.96 24.40
CA ASN B 127 11.43 9.55 24.85
C ASN B 127 11.39 8.64 26.07
N SER B 128 10.21 8.21 26.51
CA SER B 128 10.09 7.46 27.75
C SER B 128 10.46 5.99 27.54
N PHE B 129 10.81 5.34 28.65
CA PHE B 129 11.08 3.91 28.60
C PHE B 129 9.82 3.10 28.32
N VAL B 130 8.65 3.62 28.71
CA VAL B 130 7.40 2.94 28.41
C VAL B 130 7.21 2.80 26.90
N VAL B 131 7.37 3.91 26.18
CA VAL B 131 7.19 3.89 24.74
C VAL B 131 8.28 3.06 24.07
N LYS B 132 9.52 3.17 24.55
CA LYS B 132 10.60 2.34 24.03
C LYS B 132 10.28 0.86 24.18
N SER B 133 9.74 0.47 25.34
CA SER B 133 9.34 -0.93 25.52
C SER B 133 8.09 -1.26 24.71
N LEU B 134 7.24 -0.27 24.45
CA LEU B 134 6.05 -0.53 23.64
C LEU B 134 6.41 -0.74 22.17
N VAL B 135 7.41 0.01 21.68
CA VAL B 135 7.91 -0.24 20.33
C VAL B 135 8.50 -1.64 20.22
N ALA B 136 9.26 -2.07 21.23
CA ALA B 136 9.84 -3.41 21.21
C ALA B 136 8.76 -4.47 21.30
N GLN B 137 7.70 -4.22 22.08
CA GLN B 137 6.58 -5.15 22.14
C GLN B 137 5.93 -5.34 20.77
N GLN B 138 5.71 -4.23 20.06
CA GLN B 138 5.06 -4.30 18.76
C GLN B 138 5.92 -5.05 17.76
N GLU B 139 7.23 -4.76 17.73
CA GLU B 139 8.11 -5.42 16.79
C GLU B 139 8.25 -6.91 17.12
N LYS B 140 8.29 -7.25 18.40
CA LYS B 140 8.39 -8.66 18.79
C LYS B 140 7.12 -9.42 18.45
N ALA B 141 5.95 -8.80 18.67
CA ALA B 141 4.70 -9.47 18.33
C ALA B 141 4.61 -9.74 16.84
N ALA B 142 5.11 -8.83 16.01
CA ALA B 142 5.08 -9.04 14.57
C ALA B 142 6.01 -10.19 14.16
N ALA B 143 7.21 -10.24 14.74
CA ALA B 143 8.14 -11.31 14.42
C ALA B 143 7.63 -12.66 14.91
N ASP B 144 6.91 -12.69 16.04
CA ASP B 144 6.45 -13.95 16.59
C ASP B 144 5.46 -14.64 15.65
N VAL B 145 4.67 -13.87 14.91
CA VAL B 145 3.75 -14.44 13.95
C VAL B 145 4.30 -14.36 12.52
N GLN B 146 5.62 -14.15 12.38
CA GLN B 146 6.29 -13.84 11.11
C GLN B 146 5.38 -13.04 10.20
N LEU B 147 4.96 -11.87 10.67
CA LEU B 147 3.98 -11.07 9.94
C LEU B 147 4.56 -10.59 8.62
N ARG B 148 3.86 -10.86 7.53
CA ARG B 148 4.27 -10.41 6.21
C ARG B 148 3.45 -9.25 5.67
N GLY B 149 2.25 -9.03 6.20
CA GLY B 149 1.42 -7.96 5.67
C GLY B 149 0.34 -7.54 6.64
N VAL B 150 -0.31 -6.42 6.30
CA VAL B 150 -1.41 -5.90 7.08
C VAL B 150 -2.54 -5.53 6.11
N PRO B 151 -3.80 -5.48 6.59
CA PRO B 151 -4.26 -5.76 7.95
C PRO B 151 -4.16 -7.24 8.32
N ALA B 152 -4.09 -7.52 9.62
CA ALA B 152 -3.99 -8.88 10.11
C ALA B 152 -4.55 -8.91 11.53
N MET B 153 -5.12 -10.07 11.90
CA MET B 153 -5.63 -10.26 13.25
C MET B 153 -5.39 -11.70 13.66
N PHE B 154 -4.94 -11.88 14.90
CA PHE B 154 -4.58 -13.19 15.45
C PHE B 154 -5.32 -13.42 16.75
N VAL B 155 -5.82 -14.65 16.93
CA VAL B 155 -6.58 -15.02 18.12
C VAL B 155 -5.76 -16.00 18.93
N ASN B 156 -5.35 -15.58 20.14
CA ASN B 156 -4.65 -16.44 21.10
C ASN B 156 -3.35 -17.00 20.54
N GLY B 157 -2.73 -16.29 19.60
CA GLY B 157 -1.48 -16.73 19.03
C GLY B 157 -1.54 -18.08 18.35
N LYS B 158 -2.73 -18.53 17.95
CA LYS B 158 -2.89 -19.83 17.31
C LYS B 158 -3.54 -19.75 15.94
N TYR B 159 -4.45 -18.81 15.73
CA TYR B 159 -5.23 -18.72 14.50
C TYR B 159 -5.08 -17.34 13.88
N GLN B 160 -5.06 -17.30 12.56
CA GLN B 160 -4.97 -16.07 11.80
C GLN B 160 -6.25 -15.89 11.00
N LEU B 161 -6.88 -14.73 11.15
CA LEU B 161 -8.09 -14.44 10.39
C LEU B 161 -7.77 -14.43 8.90
N ASN B 162 -8.66 -15.03 8.10
CA ASN B 162 -8.45 -15.23 6.67
C ASN B 162 -9.61 -14.61 5.91
N PRO B 163 -9.67 -13.28 5.83
CA PRO B 163 -10.77 -12.64 5.08
C PRO B 163 -10.78 -12.98 3.60
N GLN B 164 -9.67 -13.46 3.01
CA GLN B 164 -9.69 -13.79 1.60
C GLN B 164 -10.60 -14.97 1.31
N GLY B 165 -10.88 -15.80 2.30
CA GLY B 165 -11.77 -16.93 2.16
C GLY B 165 -13.19 -16.68 2.66
N MET B 166 -13.50 -15.47 3.12
CA MET B 166 -14.85 -15.14 3.55
C MET B 166 -15.68 -14.62 2.37
N ASP B 167 -16.97 -14.40 2.63
N ASP B 167 -16.96 -14.39 2.62
CA ASP B 167 -17.90 -13.90 1.63
CA ASP B 167 -17.88 -13.93 1.59
C ASP B 167 -17.61 -12.42 1.39
C ASP B 167 -17.65 -12.44 1.35
N THR B 168 -16.84 -12.12 0.36
CA THR B 168 -16.53 -10.75 0.01
C THR B 168 -17.59 -10.11 -0.88
N SER B 169 -18.69 -10.81 -1.16
CA SER B 169 -19.78 -10.22 -1.93
C SER B 169 -20.54 -9.20 -1.08
N ASN B 170 -21.17 -9.66 -0.01
CA ASN B 170 -21.91 -8.78 0.89
C ASN B 170 -20.97 -8.32 2.00
N MET B 171 -20.72 -7.01 2.06
CA MET B 171 -19.81 -6.48 3.06
C MET B 171 -20.44 -6.49 4.45
N ASP B 172 -21.75 -6.23 4.53
CA ASP B 172 -22.44 -6.37 5.82
C ASP B 172 -22.31 -7.78 6.36
N VAL B 173 -22.48 -8.78 5.49
CA VAL B 173 -22.30 -10.17 5.90
C VAL B 173 -20.82 -10.45 6.17
N PHE B 174 -19.94 -9.91 5.34
CA PHE B 174 -18.50 -10.11 5.53
C PHE B 174 -18.05 -9.62 6.90
N VAL B 175 -18.47 -8.40 7.26
CA VAL B 175 -18.04 -7.80 8.52
C VAL B 175 -18.49 -8.64 9.70
N GLN B 176 -19.74 -9.11 9.68
CA GLN B 176 -20.23 -9.95 10.76
C GLN B 176 -19.60 -11.33 10.73
N GLN B 177 -19.33 -11.87 9.54
CA GLN B 177 -18.62 -13.15 9.47
C GLN B 177 -17.22 -13.03 10.07
N TYR B 178 -16.54 -11.92 9.77
CA TYR B 178 -15.24 -11.66 10.40
C TYR B 178 -15.38 -11.59 11.92
N ALA B 179 -16.35 -10.80 12.41
CA ALA B 179 -16.55 -10.69 13.85
C ALA B 179 -16.90 -12.04 14.47
N ASP B 180 -17.82 -12.78 13.84
CA ASP B 180 -18.21 -14.07 14.36
C ASP B 180 -17.06 -15.07 14.34
N THR B 181 -16.17 -14.97 13.36
CA THR B 181 -15.02 -15.86 13.31
C THR B 181 -14.09 -15.61 14.49
N VAL B 182 -13.83 -14.33 14.79
CA VAL B 182 -13.03 -13.99 15.97
C VAL B 182 -13.68 -14.53 17.23
N LYS B 183 -14.99 -14.32 17.37
CA LYS B 183 -15.72 -14.81 18.54
C LYS B 183 -15.66 -16.34 18.61
N TYR B 184 -15.83 -17.01 17.47
CA TYR B 184 -15.79 -18.47 17.44
C TYR B 184 -14.39 -18.99 17.80
N LEU B 185 -13.36 -18.40 17.19
CA LEU B 185 -12.00 -18.78 17.53
C LEU B 185 -11.67 -18.46 18.99
N SER B 186 -12.26 -17.37 19.52
CA SER B 186 -12.03 -17.01 20.91
C SER B 186 -12.58 -18.07 21.86
N GLU B 187 -13.69 -18.71 21.49
CA GLU B 187 -14.32 -19.73 22.31
C GLU B 187 -13.76 -21.13 22.06
N LYS B 188 -12.64 -21.23 21.35
CA LYS B 188 -12.03 -22.53 21.08
C LYS B 188 -10.96 -22.84 22.11
#